data_1T6N
#
_entry.id   1T6N
#
_cell.length_a   49.453
_cell.length_b   47.284
_cell.length_c   87.190
_cell.angle_alpha   90.00
_cell.angle_beta   98.23
_cell.angle_gamma   90.00
#
_symmetry.space_group_name_H-M   'P 1 21 1'
#
loop_
_entity.id
_entity.type
_entity.pdbx_description
1 polymer 'Probable ATP-dependent RNA helicase'
2 non-polymer 'CITRATE ANION'
3 water water
#
_entity_poly.entity_id   1
_entity_poly.type   'polypeptide(L)'
_entity_poly.pdbx_seq_one_letter_code
;GSDVKGSYVSIHSSGFRDFLLKPELLRAIVDCGFEHPSEVQHECIPQAILGMDVLCQAKSGMGKTAVFVLATLQQLEPVT
GQVSVLVMCHTRELAFQISKEYERFSKYMPNVKVAVFFGGLSIKKDEEVLKKNCPHIVVGTPGRILALARNKSLNLKHIK
HFILDECDKMLEQLDMRRDVQEIFRMTPHEKQVMMFSATLSKEIRPVCRKFMQDPMEIFV
;
_entity_poly.pdbx_strand_id   A,B
#
# COMPACT_ATOMS: atom_id res chain seq x y z
N SER A 14 -1.35 -20.20 19.63
CA SER A 14 -1.87 -18.93 20.19
C SER A 14 -2.84 -18.26 19.23
N GLY A 15 -4.11 -18.33 19.58
CA GLY A 15 -5.15 -17.79 18.75
C GLY A 15 -5.28 -16.33 18.37
N PHE A 16 -4.67 -15.95 17.25
CA PHE A 16 -4.88 -14.60 16.77
C PHE A 16 -6.28 -14.81 16.23
N ARG A 17 -6.59 -16.08 15.99
CA ARG A 17 -7.90 -16.50 15.52
C ARG A 17 -8.79 -16.55 16.75
N ASP A 18 -8.16 -16.51 17.93
CA ASP A 18 -8.89 -16.53 19.20
C ASP A 18 -9.46 -15.16 19.50
N PHE A 19 -9.19 -14.19 18.62
CA PHE A 19 -9.70 -12.83 18.78
C PHE A 19 -10.86 -12.71 17.77
N LEU A 20 -11.80 -11.82 18.03
CA LEU A 20 -12.91 -11.68 17.08
C LEU A 20 -12.50 -10.71 15.97
N LEU A 21 -11.75 -11.22 15.00
CA LEU A 21 -11.27 -10.40 13.88
C LEU A 21 -11.93 -10.74 12.54
N LYS A 22 -12.00 -9.76 11.66
CA LYS A 22 -12.58 -9.98 10.35
C LYS A 22 -11.71 -11.01 9.59
N PRO A 23 -12.34 -11.80 8.72
CA PRO A 23 -11.63 -12.83 7.93
C PRO A 23 -10.40 -12.33 7.18
N GLU A 24 -10.55 -11.25 6.41
CA GLU A 24 -9.44 -10.68 5.65
C GLU A 24 -8.26 -10.32 6.56
N LEU A 25 -8.56 -9.89 7.78
CA LEU A 25 -7.51 -9.52 8.73
C LEU A 25 -6.78 -10.76 9.28
N LEU A 26 -7.55 -11.79 9.63
CA LEU A 26 -6.98 -13.01 10.16
C LEU A 26 -6.08 -13.65 9.11
N ARG A 27 -6.53 -13.60 7.86
CA ARG A 27 -5.79 -14.16 6.75
C ARG A 27 -4.43 -13.49 6.58
N ALA A 28 -4.40 -12.16 6.73
CA ALA A 28 -3.16 -11.41 6.59
C ALA A 28 -2.18 -11.78 7.72
N ILE A 29 -2.72 -11.96 8.92
CA ILE A 29 -1.90 -12.31 10.07
C ILE A 29 -1.25 -13.66 9.85
N VAL A 30 -2.01 -14.61 9.32
CA VAL A 30 -1.50 -15.94 9.05
C VAL A 30 -0.37 -15.85 8.04
N ASP A 31 -0.57 -15.02 7.01
CA ASP A 31 0.43 -14.83 5.97
C ASP A 31 1.72 -14.24 6.53
N CYS A 32 1.61 -13.47 7.61
CA CYS A 32 2.79 -12.87 8.21
C CYS A 32 3.48 -13.83 9.17
N GLY A 33 2.84 -14.97 9.41
CA GLY A 33 3.40 -15.96 10.31
C GLY A 33 3.57 -15.50 11.75
N PHE A 34 2.46 -15.31 12.46
CA PHE A 34 2.52 -14.89 13.86
C PHE A 34 2.23 -16.05 14.81
N GLU A 35 1.01 -16.58 14.73
CA GLU A 35 0.56 -17.72 15.53
C GLU A 35 0.63 -17.61 17.06
N HIS A 36 1.29 -16.59 17.62
CA HIS A 36 1.33 -16.48 19.09
C HIS A 36 1.27 -15.07 19.64
N PRO A 37 0.09 -14.64 20.13
CA PRO A 37 0.09 -13.26 20.67
C PRO A 37 0.88 -13.26 21.97
N SER A 38 1.56 -12.15 22.25
CA SER A 38 2.28 -12.02 23.51
C SER A 38 1.25 -11.76 24.60
N GLU A 39 1.67 -11.85 25.86
CA GLU A 39 0.75 -11.62 26.97
C GLU A 39 0.07 -10.27 26.81
N VAL A 40 0.84 -9.28 26.40
CA VAL A 40 0.30 -7.94 26.21
C VAL A 40 -0.77 -7.93 25.12
N GLN A 41 -0.51 -8.61 24.02
CA GLN A 41 -1.48 -8.66 22.93
C GLN A 41 -2.74 -9.41 23.37
N HIS A 42 -2.53 -10.47 24.15
CA HIS A 42 -3.64 -11.26 24.65
C HIS A 42 -4.56 -10.41 25.53
N GLU A 43 -3.96 -9.52 26.32
CA GLU A 43 -4.73 -8.69 27.23
C GLU A 43 -5.18 -7.34 26.70
N CYS A 44 -4.62 -6.90 25.58
CA CYS A 44 -5.01 -5.60 25.01
C CYS A 44 -5.96 -5.65 23.82
N ILE A 45 -5.67 -6.54 22.88
CA ILE A 45 -6.46 -6.63 21.67
C ILE A 45 -7.98 -6.80 21.85
N PRO A 46 -8.42 -7.73 22.73
CA PRO A 46 -9.87 -7.89 22.90
C PRO A 46 -10.57 -6.59 23.30
N GLN A 47 -9.96 -5.83 24.19
CA GLN A 47 -10.56 -4.56 24.62
C GLN A 47 -10.32 -3.48 23.58
N ALA A 48 -9.17 -3.52 22.94
CA ALA A 48 -8.84 -2.52 21.93
C ALA A 48 -9.83 -2.62 20.75
N ILE A 49 -10.23 -3.84 20.43
CA ILE A 49 -11.16 -4.06 19.33
C ILE A 49 -12.54 -3.45 19.60
N LEU A 50 -12.91 -3.35 20.87
CA LEU A 50 -14.20 -2.80 21.25
C LEU A 50 -14.13 -1.27 21.36
N GLY A 51 -12.99 -0.69 20.96
CA GLY A 51 -12.82 0.75 21.01
C GLY A 51 -12.44 1.34 22.35
N MET A 52 -12.03 0.51 23.30
CA MET A 52 -11.64 0.99 24.62
C MET A 52 -10.28 1.68 24.60
N ASP A 53 -10.12 2.70 25.44
CA ASP A 53 -8.85 3.41 25.50
C ASP A 53 -7.84 2.51 26.19
N VAL A 54 -6.58 2.66 25.83
CA VAL A 54 -5.53 1.83 26.41
C VAL A 54 -4.24 2.58 26.70
N LEU A 55 -3.63 2.26 27.84
CA LEU A 55 -2.35 2.83 28.23
C LEU A 55 -1.51 1.57 28.45
N CYS A 56 -0.51 1.39 27.61
CA CYS A 56 0.28 0.18 27.69
C CYS A 56 1.79 0.37 27.71
N GLN A 57 2.43 -0.23 28.72
CA GLN A 57 3.88 -0.19 28.82
C GLN A 57 4.28 -1.63 28.58
N ALA A 58 5.04 -1.88 27.52
CA ALA A 58 5.50 -3.22 27.19
C ALA A 58 6.89 -3.16 26.58
N LYS A 59 7.73 -4.12 26.97
CA LYS A 59 9.11 -4.15 26.47
C LYS A 59 9.20 -4.49 25.01
N SER A 60 10.35 -4.22 24.41
CA SER A 60 10.57 -4.50 23.00
C SER A 60 10.29 -5.97 22.72
N GLY A 61 9.68 -6.25 21.57
CA GLY A 61 9.37 -7.62 21.21
C GLY A 61 7.96 -8.09 21.56
N MET A 62 7.28 -7.38 22.45
CA MET A 62 5.92 -7.75 22.86
C MET A 62 4.87 -7.43 21.79
N GLY A 63 5.28 -6.72 20.74
CA GLY A 63 4.35 -6.40 19.67
C GLY A 63 3.32 -5.32 19.96
N LYS A 64 3.76 -4.17 20.44
CA LYS A 64 2.85 -3.07 20.73
C LYS A 64 2.17 -2.49 19.47
N THR A 65 2.96 -2.32 18.40
CA THR A 65 2.51 -1.80 17.12
C THR A 65 1.38 -2.68 16.59
N ALA A 66 1.58 -4.00 16.63
CA ALA A 66 0.56 -4.91 16.12
C ALA A 66 -0.75 -4.73 16.88
N VAL A 67 -0.66 -4.43 18.16
CA VAL A 67 -1.88 -4.25 18.94
C VAL A 67 -2.74 -3.15 18.33
N PHE A 68 -2.19 -1.95 18.16
CA PHE A 68 -3.01 -0.89 17.60
C PHE A 68 -3.20 -0.98 16.09
N VAL A 69 -2.26 -1.60 15.37
CA VAL A 69 -2.44 -1.72 13.93
C VAL A 69 -3.63 -2.65 13.70
N LEU A 70 -3.62 -3.81 14.35
CA LEU A 70 -4.74 -4.76 14.18
C LEU A 70 -6.05 -4.20 14.70
N ALA A 71 -6.00 -3.57 15.87
CA ALA A 71 -7.21 -3.02 16.47
C ALA A 71 -7.85 -1.94 15.60
N THR A 72 -7.02 -1.07 15.02
CA THR A 72 -7.55 0.01 14.20
C THR A 72 -8.02 -0.47 12.83
N LEU A 73 -7.33 -1.46 12.27
CA LEU A 73 -7.76 -1.99 10.97
C LEU A 73 -9.07 -2.72 11.15
N GLN A 74 -9.25 -3.36 12.31
CA GLN A 74 -10.46 -4.11 12.63
C GLN A 74 -11.67 -3.19 12.77
N GLN A 75 -11.45 -2.00 13.32
CA GLN A 75 -12.54 -1.04 13.52
C GLN A 75 -12.73 -0.08 12.36
N LEU A 76 -11.77 -0.06 11.45
CA LEU A 76 -11.80 0.85 10.31
C LEU A 76 -13.09 0.83 9.50
N GLU A 77 -13.67 2.01 9.30
CA GLU A 77 -14.87 2.17 8.49
C GLU A 77 -14.44 3.28 7.53
N PRO A 78 -13.61 2.92 6.54
CA PRO A 78 -13.07 3.84 5.52
C PRO A 78 -14.10 4.65 4.75
N VAL A 79 -13.83 5.95 4.66
CA VAL A 79 -14.67 6.91 3.93
C VAL A 79 -13.69 7.68 3.05
N THR A 80 -13.86 7.57 1.73
CA THR A 80 -12.96 8.26 0.82
C THR A 80 -12.79 9.74 1.13
N GLY A 81 -11.54 10.20 1.12
CA GLY A 81 -11.23 11.59 1.39
C GLY A 81 -11.31 11.95 2.85
N GLN A 82 -11.36 10.93 3.72
CA GLN A 82 -11.47 11.16 5.14
C GLN A 82 -10.39 10.37 5.91
N VAL A 83 -9.71 11.05 6.84
CA VAL A 83 -8.67 10.41 7.64
C VAL A 83 -9.35 10.00 8.96
N SER A 84 -9.32 8.72 9.30
CA SER A 84 -9.98 8.30 10.53
C SER A 84 -9.06 7.74 11.61
N VAL A 85 -7.77 7.65 11.30
CA VAL A 85 -6.80 7.15 12.25
C VAL A 85 -5.56 8.04 12.23
N LEU A 86 -5.14 8.48 13.41
CA LEU A 86 -3.95 9.30 13.51
C LEU A 86 -3.00 8.62 14.50
N VAL A 87 -1.77 8.36 14.03
CA VAL A 87 -0.74 7.75 14.87
C VAL A 87 0.47 8.66 14.87
N MET A 88 1.01 8.94 16.06
CA MET A 88 2.18 9.79 16.18
C MET A 88 3.21 9.11 17.08
N CYS A 89 4.48 9.35 16.78
CA CYS A 89 5.57 8.78 17.56
C CYS A 89 6.78 9.69 17.49
N HIS A 90 7.82 9.34 18.22
CA HIS A 90 9.03 10.15 18.32
C HIS A 90 10.14 9.85 17.31
N THR A 91 10.33 8.58 16.97
CA THR A 91 11.39 8.21 16.03
C THR A 91 10.91 8.00 14.61
N ARG A 92 11.67 8.50 13.65
CA ARG A 92 11.35 8.37 12.23
C ARG A 92 11.30 6.91 11.79
N GLU A 93 12.26 6.12 12.28
CA GLU A 93 12.33 4.71 11.95
C GLU A 93 11.06 3.97 12.33
N LEU A 94 10.57 4.21 13.54
CA LEU A 94 9.36 3.54 14.02
C LEU A 94 8.13 3.97 13.22
N ALA A 95 8.07 5.23 12.82
CA ALA A 95 6.93 5.70 12.03
C ALA A 95 6.78 4.91 10.74
N PHE A 96 7.89 4.64 10.06
CA PHE A 96 7.82 3.88 8.82
C PHE A 96 7.58 2.41 9.06
N GLN A 97 8.01 1.91 10.21
CA GLN A 97 7.77 0.50 10.55
C GLN A 97 6.27 0.36 10.83
N ILE A 98 5.67 1.39 11.43
CA ILE A 98 4.24 1.34 11.68
C ILE A 98 3.49 1.29 10.35
N SER A 99 3.91 2.10 9.39
CA SER A 99 3.24 2.12 8.09
C SER A 99 3.42 0.77 7.41
N LYS A 100 4.61 0.20 7.58
CA LYS A 100 4.93 -1.10 7.01
C LYS A 100 3.95 -2.13 7.57
N GLU A 101 3.72 -2.08 8.87
CA GLU A 101 2.79 -2.98 9.55
C GLU A 101 1.35 -2.83 9.05
N TYR A 102 0.93 -1.59 8.80
CA TYR A 102 -0.43 -1.39 8.31
C TYR A 102 -0.58 -2.07 6.96
N GLU A 103 0.45 -1.94 6.13
CA GLU A 103 0.40 -2.55 4.80
C GLU A 103 0.36 -4.07 4.92
N ARG A 104 1.19 -4.64 5.79
CA ARG A 104 1.22 -6.09 5.98
C ARG A 104 -0.14 -6.65 6.36
N PHE A 105 -0.74 -6.10 7.40
CA PHE A 105 -2.04 -6.57 7.87
C PHE A 105 -3.25 -6.22 7.01
N SER A 106 -3.13 -5.23 6.13
CA SER A 106 -4.24 -4.83 5.27
C SER A 106 -4.08 -5.42 3.87
N LYS A 107 -3.24 -6.43 3.77
CA LYS A 107 -2.96 -7.08 2.49
C LYS A 107 -4.21 -7.50 1.71
N TYR A 108 -5.19 -8.04 2.43
CA TYR A 108 -6.43 -8.49 1.80
C TYR A 108 -7.59 -7.52 1.97
N MET A 109 -7.26 -6.29 2.37
CA MET A 109 -8.26 -5.23 2.53
C MET A 109 -7.94 -4.23 1.42
N PRO A 110 -8.60 -4.36 0.27
CA PRO A 110 -8.35 -3.43 -0.84
C PRO A 110 -8.67 -1.98 -0.53
N ASN A 111 -7.87 -1.08 -1.07
CA ASN A 111 -8.04 0.36 -0.93
C ASN A 111 -7.88 1.02 0.45
N VAL A 112 -7.13 0.38 1.35
CA VAL A 112 -6.88 0.99 2.65
C VAL A 112 -5.59 1.77 2.44
N LYS A 113 -5.66 3.09 2.56
CA LYS A 113 -4.49 3.93 2.32
C LYS A 113 -3.83 4.51 3.57
N VAL A 114 -2.50 4.51 3.58
CA VAL A 114 -1.73 5.01 4.72
C VAL A 114 -0.68 5.99 4.21
N ALA A 115 -0.45 7.05 4.98
CA ALA A 115 0.55 8.05 4.61
C ALA A 115 1.37 8.43 5.83
N VAL A 116 2.66 8.68 5.62
CA VAL A 116 3.55 9.08 6.71
C VAL A 116 4.02 10.52 6.50
N PHE A 117 3.85 11.36 7.52
CA PHE A 117 4.29 12.75 7.48
C PHE A 117 5.21 12.97 8.68
N PHE A 118 6.45 12.54 8.56
CA PHE A 118 7.36 12.70 9.69
C PHE A 118 8.26 13.91 9.62
N GLY A 119 8.30 14.60 8.49
CA GLY A 119 9.14 15.76 8.39
C GLY A 119 10.00 15.76 7.15
N GLY A 120 9.39 16.14 6.04
CA GLY A 120 10.11 16.20 4.79
C GLY A 120 10.14 17.65 4.37
N LEU A 121 11.27 18.11 3.84
CA LEU A 121 11.33 19.50 3.41
C LEU A 121 10.15 19.65 2.44
N SER A 122 9.55 20.83 2.44
CA SER A 122 8.40 21.12 1.60
C SER A 122 7.16 20.49 2.19
N ILE A 123 6.37 21.31 2.87
CA ILE A 123 5.16 20.84 3.46
C ILE A 123 4.16 20.69 2.32
N LYS A 124 4.48 21.34 1.19
CA LYS A 124 3.63 21.29 0.01
C LYS A 124 3.44 19.85 -0.48
N LYS A 125 4.49 19.04 -0.39
CA LYS A 125 4.40 17.65 -0.81
C LYS A 125 3.37 16.87 0.00
N ASP A 126 3.32 17.14 1.31
CA ASP A 126 2.38 16.46 2.19
C ASP A 126 0.97 16.92 1.84
N GLU A 127 0.83 18.21 1.54
CA GLU A 127 -0.48 18.76 1.18
C GLU A 127 -0.98 18.09 -0.10
N GLU A 128 -0.08 17.85 -1.04
CA GLU A 128 -0.46 17.20 -2.29
C GLU A 128 -0.99 15.78 -2.06
N VAL A 129 -0.36 15.05 -1.15
CA VAL A 129 -0.82 13.71 -0.85
C VAL A 129 -2.22 13.77 -0.23
N LEU A 130 -2.40 14.69 0.70
CA LEU A 130 -3.69 14.82 1.38
C LEU A 130 -4.79 15.24 0.40
N LYS A 131 -4.42 16.06 -0.57
CA LYS A 131 -5.38 16.57 -1.54
C LYS A 131 -5.71 15.64 -2.70
N LYS A 132 -4.71 14.96 -3.23
CA LYS A 132 -4.89 14.08 -4.39
C LYS A 132 -5.05 12.59 -4.12
N ASN A 133 -4.58 12.12 -2.97
CA ASN A 133 -4.71 10.72 -2.61
C ASN A 133 -4.90 10.64 -1.10
N CYS A 134 -5.92 11.33 -0.60
CA CYS A 134 -6.19 11.39 0.83
C CYS A 134 -6.19 10.01 1.49
N PRO A 135 -5.30 9.81 2.48
CA PRO A 135 -5.19 8.54 3.19
C PRO A 135 -6.26 8.34 4.27
N HIS A 136 -6.41 7.08 4.70
CA HIS A 136 -7.38 6.77 5.74
C HIS A 136 -6.64 6.80 7.08
N ILE A 137 -5.36 6.44 7.04
CA ILE A 137 -4.51 6.36 8.22
C ILE A 137 -3.28 7.27 8.04
N VAL A 138 -3.07 8.17 9.01
CA VAL A 138 -1.93 9.08 8.95
C VAL A 138 -0.98 8.81 10.13
N VAL A 139 0.30 8.72 9.82
CA VAL A 139 1.34 8.48 10.82
C VAL A 139 2.34 9.62 10.68
N GLY A 140 2.69 10.26 11.79
CA GLY A 140 3.65 11.35 11.69
C GLY A 140 4.17 11.91 13.00
N THR A 141 4.85 13.05 12.89
CA THR A 141 5.43 13.75 14.02
C THR A 141 4.53 14.95 14.36
N PRO A 142 4.30 15.21 15.66
CA PRO A 142 3.48 16.32 16.16
C PRO A 142 3.61 17.64 15.40
N GLY A 143 4.85 18.11 15.27
CA GLY A 143 5.09 19.37 14.58
C GLY A 143 4.50 19.45 13.19
N ARG A 144 4.82 18.48 12.35
CA ARG A 144 4.31 18.48 10.98
C ARG A 144 2.80 18.23 10.95
N ILE A 145 2.30 17.30 11.77
CA ILE A 145 0.87 17.04 11.80
C ILE A 145 0.13 18.32 12.18
N LEU A 146 0.63 19.01 13.20
CA LEU A 146 0.00 20.24 13.66
C LEU A 146 0.00 21.33 12.57
N ALA A 147 1.12 21.46 11.88
CA ALA A 147 1.24 22.45 10.81
C ALA A 147 0.22 22.20 9.72
N LEU A 148 0.08 20.93 9.31
CA LEU A 148 -0.88 20.56 8.28
C LEU A 148 -2.29 20.78 8.78
N ALA A 149 -2.52 20.52 10.06
CA ALA A 149 -3.83 20.72 10.64
C ALA A 149 -4.18 22.21 10.67
N ARG A 150 -3.22 23.01 11.12
CA ARG A 150 -3.42 24.46 11.21
C ARG A 150 -3.68 25.15 9.86
N ASN A 151 -3.04 24.68 8.78
CA ASN A 151 -3.25 25.33 7.49
C ASN A 151 -4.42 24.72 6.73
N LYS A 152 -5.15 23.84 7.43
CA LYS A 152 -6.34 23.18 6.89
C LYS A 152 -6.14 22.07 5.86
N SER A 153 -4.90 21.69 5.60
CA SER A 153 -4.63 20.62 4.64
C SER A 153 -5.09 19.29 5.23
N LEU A 154 -4.87 19.15 6.52
CA LEU A 154 -5.25 17.93 7.25
C LEU A 154 -6.50 18.16 8.07
N ASN A 155 -7.60 17.53 7.66
CA ASN A 155 -8.86 17.66 8.37
C ASN A 155 -8.89 16.60 9.45
N LEU A 156 -8.92 17.02 10.72
CA LEU A 156 -8.91 16.09 11.85
C LEU A 156 -10.28 15.83 12.50
N LYS A 157 -11.34 16.34 11.89
CA LYS A 157 -12.70 16.18 12.43
C LYS A 157 -13.31 14.79 12.29
N HIS A 158 -12.56 13.85 11.71
CA HIS A 158 -13.09 12.50 11.53
C HIS A 158 -12.25 11.44 12.23
N ILE A 159 -11.25 11.87 12.99
CA ILE A 159 -10.40 10.93 13.71
C ILE A 159 -11.21 10.10 14.72
N LYS A 160 -11.15 8.78 14.56
CA LYS A 160 -11.85 7.86 15.45
C LYS A 160 -10.85 7.10 16.31
N HIS A 161 -9.57 7.27 15.97
CA HIS A 161 -8.49 6.60 16.69
C HIS A 161 -7.28 7.53 16.80
N PHE A 162 -6.91 7.85 18.04
CA PHE A 162 -5.79 8.73 18.36
C PHE A 162 -4.78 7.85 19.08
N ILE A 163 -3.64 7.59 18.44
CA ILE A 163 -2.60 6.73 19.00
C ILE A 163 -1.21 7.36 19.08
N LEU A 164 -0.57 7.19 20.23
CA LEU A 164 0.79 7.68 20.43
C LEU A 164 1.64 6.46 20.78
N ASP A 165 2.79 6.34 20.11
CA ASP A 165 3.71 5.24 20.41
C ASP A 165 4.98 5.96 20.88
N GLU A 166 5.74 5.37 21.81
CA GLU A 166 6.90 6.05 22.36
C GLU A 166 6.28 7.30 22.98
N CYS A 167 5.10 7.11 23.56
CA CYS A 167 4.36 8.23 24.15
C CYS A 167 5.06 9.01 25.24
N ASP A 168 5.93 8.35 26.01
CA ASP A 168 6.64 9.06 27.08
C ASP A 168 7.64 10.06 26.52
N LYS A 169 8.39 9.65 25.50
CA LYS A 169 9.38 10.51 24.88
C LYS A 169 8.72 11.77 24.33
N MET A 170 7.48 11.64 23.89
CA MET A 170 6.74 12.75 23.33
C MET A 170 6.15 13.71 24.35
N LEU A 171 5.50 13.15 25.36
CA LEU A 171 4.86 13.94 26.40
C LEU A 171 5.77 14.51 27.48
N GLU A 172 6.92 13.89 27.70
CA GLU A 172 7.83 14.38 28.74
C GLU A 172 8.51 15.68 28.32
N GLN A 173 8.48 15.98 27.02
CA GLN A 173 9.06 17.20 26.48
C GLN A 173 7.94 18.23 26.37
N LEU A 174 8.04 19.31 27.15
CA LEU A 174 7.01 20.36 27.18
C LEU A 174 6.57 20.88 25.81
N ASP A 175 7.51 21.06 24.90
CA ASP A 175 7.14 21.58 23.59
C ASP A 175 6.35 20.58 22.76
N MET A 176 6.76 19.31 22.78
CA MET A 176 6.04 18.30 22.01
C MET A 176 4.70 18.01 22.69
N ARG A 177 4.67 18.04 24.01
CA ARG A 177 3.42 17.79 24.73
C ARG A 177 2.37 18.80 24.28
N ARG A 178 2.73 20.07 24.29
CA ARG A 178 1.81 21.12 23.88
C ARG A 178 1.30 20.90 22.46
N ASP A 179 2.18 20.49 21.55
CA ASP A 179 1.78 20.24 20.17
C ASP A 179 0.74 19.11 20.14
N VAL A 180 1.02 18.03 20.85
CA VAL A 180 0.09 16.91 20.91
C VAL A 180 -1.25 17.36 21.48
N GLN A 181 -1.21 18.26 22.46
CA GLN A 181 -2.44 18.73 23.08
C GLN A 181 -3.26 19.57 22.11
N GLU A 182 -2.59 20.40 21.32
CA GLU A 182 -3.30 21.25 20.35
C GLU A 182 -3.94 20.36 19.28
N ILE A 183 -3.23 19.32 18.87
CA ILE A 183 -3.73 18.39 17.86
C ILE A 183 -4.96 17.65 18.42
N PHE A 184 -4.83 17.17 19.65
CA PHE A 184 -5.90 16.43 20.31
C PHE A 184 -7.19 17.24 20.33
N ARG A 185 -7.05 18.52 20.67
CA ARG A 185 -8.16 19.45 20.76
C ARG A 185 -8.91 19.60 19.44
N MET A 186 -8.25 19.30 18.33
CA MET A 186 -8.87 19.42 17.02
C MET A 186 -9.66 18.17 16.60
N THR A 187 -9.53 17.11 17.37
CA THR A 187 -10.23 15.86 17.04
C THR A 187 -11.54 15.69 17.83
N PRO A 188 -12.41 14.78 17.35
CA PRO A 188 -13.71 14.47 17.96
C PRO A 188 -13.55 13.92 19.37
N HIS A 189 -14.55 14.16 20.23
CA HIS A 189 -14.51 13.64 21.58
C HIS A 189 -14.79 12.15 21.60
N GLU A 190 -15.72 11.71 20.75
CA GLU A 190 -16.05 10.29 20.66
C GLU A 190 -15.02 9.61 19.80
N LYS A 191 -13.94 9.14 20.43
CA LYS A 191 -12.88 8.46 19.70
C LYS A 191 -12.11 7.58 20.70
N GLN A 192 -11.36 6.63 20.16
CA GLN A 192 -10.54 5.75 20.98
C GLN A 192 -9.15 6.37 21.09
N VAL A 193 -8.58 6.32 22.29
CA VAL A 193 -7.25 6.87 22.53
C VAL A 193 -6.37 5.77 23.13
N MET A 194 -5.24 5.47 22.50
CA MET A 194 -4.35 4.44 23.05
C MET A 194 -2.92 4.96 23.00
N MET A 195 -2.13 4.65 24.02
CA MET A 195 -0.75 5.09 24.05
C MET A 195 0.12 3.93 24.47
N PHE A 196 1.30 3.84 23.86
CA PHE A 196 2.22 2.73 24.14
C PHE A 196 3.63 3.23 24.32
N SER A 197 4.42 2.48 25.06
CA SER A 197 5.81 2.82 25.27
C SER A 197 6.47 1.67 25.98
N ALA A 198 7.79 1.54 25.82
CA ALA A 198 8.53 0.49 26.49
C ALA A 198 8.76 0.93 27.93
N THR A 199 8.73 2.24 28.15
CA THR A 199 8.96 2.80 29.48
C THR A 199 7.97 3.91 29.82
N LEU A 200 7.25 3.73 30.93
CA LEU A 200 6.29 4.71 31.42
C LEU A 200 6.58 4.99 32.89
N SER A 201 7.29 6.08 33.16
CA SER A 201 7.61 6.44 34.54
C SER A 201 6.33 6.70 35.32
N LYS A 202 6.43 6.65 36.64
CA LYS A 202 5.26 6.90 37.47
C LYS A 202 4.80 8.34 37.26
N GLU A 203 5.75 9.21 37.00
CA GLU A 203 5.46 10.62 36.80
C GLU A 203 4.73 10.95 35.49
N ILE A 204 5.00 10.20 34.43
CA ILE A 204 4.36 10.46 33.15
C ILE A 204 3.01 9.77 32.95
N ARG A 205 2.76 8.70 33.70
CA ARG A 205 1.50 7.97 33.56
C ARG A 205 0.26 8.84 33.71
N PRO A 206 0.22 9.70 34.74
CA PRO A 206 -0.97 10.54 34.89
C PRO A 206 -1.17 11.47 33.70
N VAL A 207 -0.07 11.91 33.11
CA VAL A 207 -0.10 12.80 31.95
C VAL A 207 -0.77 12.12 30.78
N CYS A 208 -0.48 10.83 30.60
CA CYS A 208 -1.06 10.06 29.50
C CYS A 208 -2.57 9.89 29.71
N ARG A 209 -2.95 9.57 30.94
CA ARG A 209 -4.34 9.36 31.29
C ARG A 209 -5.22 10.60 31.10
N LYS A 210 -4.63 11.79 31.12
CA LYS A 210 -5.43 12.99 30.94
C LYS A 210 -6.11 13.03 29.55
N PHE A 211 -5.62 12.23 28.61
CA PHE A 211 -6.20 12.17 27.26
C PHE A 211 -7.18 11.01 27.07
N MET A 212 -7.40 10.23 28.14
CA MET A 212 -8.24 9.05 28.05
C MET A 212 -9.48 9.01 28.92
N GLN A 213 -10.33 8.02 28.65
CA GLN A 213 -11.55 7.80 29.40
C GLN A 213 -11.51 6.40 30.00
N ASP A 214 -11.46 6.33 31.33
CA ASP A 214 -11.42 5.06 32.06
C ASP A 214 -10.77 3.97 31.22
N PRO A 215 -9.49 4.18 30.87
CA PRO A 215 -8.74 3.23 30.04
C PRO A 215 -8.26 1.98 30.75
N MET A 216 -8.03 0.95 29.95
CA MET A 216 -7.50 -0.30 30.46
C MET A 216 -6.02 0.04 30.58
N GLU A 217 -5.38 -0.42 31.65
CA GLU A 217 -3.97 -0.13 31.84
C GLU A 217 -3.18 -1.40 32.05
N ILE A 218 -1.99 -1.46 31.46
CA ILE A 218 -1.14 -2.63 31.61
C ILE A 218 0.32 -2.19 31.55
N PHE A 219 1.08 -2.56 32.58
CA PHE A 219 2.48 -2.17 32.66
C PHE A 219 3.36 -3.38 32.89
N VAL A 220 4.30 -3.59 31.97
CA VAL A 220 5.25 -4.69 32.01
C VAL A 220 6.57 -4.23 31.39
N SER B 14 23.24 0.69 -2.64
CA SER B 14 22.50 0.33 -1.39
C SER B 14 21.64 -0.88 -1.67
N GLY B 15 21.02 -0.86 -2.83
CA GLY B 15 20.15 -1.95 -3.24
C GLY B 15 19.42 -1.42 -4.46
N PHE B 16 18.44 -0.54 -4.22
CA PHE B 16 17.71 0.03 -5.33
C PHE B 16 18.22 1.44 -5.62
N ARG B 17 19.04 1.96 -4.71
CA ARG B 17 19.59 3.30 -4.88
C ARG B 17 20.47 3.43 -6.13
N ASP B 18 20.93 2.29 -6.65
CA ASP B 18 21.79 2.31 -7.83
C ASP B 18 21.04 2.03 -9.13
N PHE B 19 19.72 2.01 -9.07
CA PHE B 19 18.89 1.74 -10.24
C PHE B 19 18.54 2.95 -11.09
N LEU B 20 19.03 4.13 -10.73
CA LEU B 20 18.74 5.33 -11.52
C LEU B 20 17.23 5.55 -11.65
N LEU B 21 16.55 5.57 -10.51
CA LEU B 21 15.11 5.80 -10.48
C LEU B 21 14.91 7.24 -10.03
N LYS B 22 13.79 7.84 -10.40
CA LYS B 22 13.54 9.21 -9.99
C LYS B 22 13.42 9.33 -8.47
N PRO B 23 13.72 10.51 -7.92
CA PRO B 23 13.66 10.80 -6.48
C PRO B 23 12.43 10.27 -5.76
N GLU B 24 11.25 10.68 -6.20
CA GLU B 24 10.00 10.26 -5.58
C GLU B 24 9.82 8.76 -5.52
N LEU B 25 10.35 8.05 -6.53
CA LEU B 25 10.22 6.61 -6.57
C LEU B 25 11.23 5.92 -5.64
N LEU B 26 12.49 6.34 -5.71
CA LEU B 26 13.52 5.74 -4.86
C LEU B 26 13.14 5.94 -3.39
N ARG B 27 12.60 7.11 -3.08
CA ARG B 27 12.21 7.41 -1.70
C ARG B 27 11.15 6.44 -1.19
N ALA B 28 10.17 6.14 -2.05
CA ALA B 28 9.10 5.23 -1.67
C ALA B 28 9.66 3.83 -1.41
N ILE B 29 10.59 3.41 -2.28
CA ILE B 29 11.20 2.10 -2.17
C ILE B 29 11.88 1.97 -0.81
N VAL B 30 12.75 2.93 -0.51
CA VAL B 30 13.49 2.94 0.74
C VAL B 30 12.58 3.11 1.95
N ASP B 31 11.58 3.98 1.84
CA ASP B 31 10.69 4.20 2.97
C ASP B 31 9.80 3.01 3.25
N CYS B 32 9.63 2.14 2.25
CA CYS B 32 8.80 0.96 2.41
C CYS B 32 9.62 -0.19 2.99
N GLY B 33 10.91 0.04 3.18
CA GLY B 33 11.78 -0.96 3.75
C GLY B 33 12.43 -1.95 2.78
N PHE B 34 12.57 -1.56 1.52
CA PHE B 34 13.18 -2.45 0.55
C PHE B 34 14.66 -2.13 0.35
N GLU B 35 15.49 -3.09 0.73
CA GLU B 35 16.95 -2.95 0.62
C GLU B 35 17.60 -4.18 -0.02
N HIS B 36 16.79 -5.14 -0.46
CA HIS B 36 17.34 -6.37 -1.04
C HIS B 36 16.84 -6.77 -2.42
N PRO B 37 17.37 -6.16 -3.48
CA PRO B 37 16.93 -6.51 -4.84
C PRO B 37 17.30 -7.96 -5.15
N SER B 38 16.39 -8.71 -5.75
CA SER B 38 16.68 -10.10 -6.09
C SER B 38 17.64 -10.07 -7.28
N GLU B 39 18.18 -11.24 -7.65
CA GLU B 39 19.10 -11.32 -8.78
C GLU B 39 18.35 -10.93 -10.04
N VAL B 40 17.09 -11.36 -10.11
CA VAL B 40 16.24 -11.08 -11.25
C VAL B 40 15.99 -9.59 -11.40
N GLN B 41 15.70 -8.92 -10.29
CA GLN B 41 15.44 -7.48 -10.32
C GLN B 41 16.71 -6.72 -10.70
N HIS B 42 17.86 -7.25 -10.28
CA HIS B 42 19.12 -6.59 -10.59
C HIS B 42 19.40 -6.68 -12.10
N GLU B 43 18.97 -7.76 -12.72
CA GLU B 43 19.20 -7.95 -14.15
C GLU B 43 18.14 -7.33 -15.07
N CYS B 44 16.89 -7.33 -14.62
CA CYS B 44 15.78 -6.79 -15.43
C CYS B 44 15.49 -5.29 -15.36
N ILE B 45 15.46 -4.74 -14.15
CA ILE B 45 15.14 -3.33 -13.97
C ILE B 45 15.89 -2.31 -14.81
N PRO B 46 17.23 -2.37 -14.84
CA PRO B 46 18.00 -1.41 -15.64
C PRO B 46 17.60 -1.36 -17.11
N GLN B 47 17.26 -2.51 -17.68
CA GLN B 47 16.85 -2.55 -19.08
C GLN B 47 15.38 -2.20 -19.25
N ALA B 48 14.55 -2.66 -18.32
CA ALA B 48 13.12 -2.40 -18.37
C ALA B 48 12.86 -0.89 -18.27
N ILE B 49 13.66 -0.22 -17.46
CA ILE B 49 13.50 1.23 -17.27
C ILE B 49 13.80 1.99 -18.57
N LEU B 50 14.56 1.37 -19.46
CA LEU B 50 14.90 2.01 -20.72
C LEU B 50 13.85 1.71 -21.80
N GLY B 51 12.80 1.00 -21.41
CA GLY B 51 11.73 0.68 -22.34
C GLY B 51 11.87 -0.65 -23.06
N MET B 52 12.89 -1.42 -22.71
CA MET B 52 13.13 -2.71 -23.36
C MET B 52 12.03 -3.73 -23.06
N ASP B 53 11.74 -4.58 -24.04
CA ASP B 53 10.73 -5.62 -23.84
C ASP B 53 11.41 -6.68 -23.01
N VAL B 54 10.64 -7.40 -22.21
CA VAL B 54 11.19 -8.42 -21.33
C VAL B 54 10.35 -9.70 -21.26
N LEU B 55 11.03 -10.84 -21.22
CA LEU B 55 10.38 -12.15 -21.08
C LEU B 55 11.12 -12.74 -19.90
N CYS B 56 10.40 -12.93 -18.79
CA CYS B 56 11.03 -13.43 -17.58
C CYS B 56 10.37 -14.58 -16.84
N GLN B 57 11.18 -15.57 -16.51
CA GLN B 57 10.72 -16.72 -15.73
C GLN B 57 11.56 -16.65 -14.46
N ALA B 58 10.88 -16.53 -13.32
CA ALA B 58 11.57 -16.45 -12.04
C ALA B 58 10.67 -17.09 -11.00
N LYS B 59 11.27 -17.85 -10.09
CA LYS B 59 10.50 -18.52 -9.05
C LYS B 59 9.78 -17.53 -8.13
N SER B 60 8.78 -18.03 -7.42
CA SER B 60 8.01 -17.24 -6.47
C SER B 60 8.94 -16.62 -5.43
N GLY B 61 8.71 -15.34 -5.10
CA GLY B 61 9.54 -14.64 -4.16
C GLY B 61 10.67 -13.84 -4.80
N MET B 62 10.88 -13.96 -6.11
CA MET B 62 11.95 -13.24 -6.79
C MET B 62 11.63 -11.78 -7.08
N GLY B 63 10.38 -11.40 -6.85
CA GLY B 63 9.99 -10.02 -7.08
C GLY B 63 9.64 -9.67 -8.51
N LYS B 64 8.93 -10.55 -9.20
CA LYS B 64 8.53 -10.29 -10.58
C LYS B 64 7.66 -9.03 -10.74
N THR B 65 6.60 -8.93 -9.94
CA THR B 65 5.67 -7.79 -9.92
C THR B 65 6.47 -6.52 -9.64
N ALA B 66 7.37 -6.56 -8.66
CA ALA B 66 8.15 -5.37 -8.34
C ALA B 66 8.93 -4.89 -9.56
N VAL B 67 9.34 -5.83 -10.40
CA VAL B 67 10.09 -5.48 -11.59
C VAL B 67 9.29 -4.56 -12.50
N PHE B 68 8.08 -4.96 -12.89
CA PHE B 68 7.29 -4.13 -13.79
C PHE B 68 6.58 -2.97 -13.13
N VAL B 69 6.32 -3.07 -11.83
CA VAL B 69 5.66 -1.98 -11.13
C VAL B 69 6.68 -0.84 -11.08
N LEU B 70 7.90 -1.16 -10.65
CA LEU B 70 8.93 -0.12 -10.56
C LEU B 70 9.30 0.40 -11.93
N ALA B 71 9.46 -0.49 -12.90
CA ALA B 71 9.84 -0.04 -14.24
C ALA B 71 8.78 0.89 -14.83
N THR B 72 7.51 0.53 -14.70
CA THR B 72 6.45 1.34 -15.28
C THR B 72 6.19 2.65 -14.54
N LEU B 73 6.41 2.68 -13.23
CA LEU B 73 6.20 3.92 -12.48
C LEU B 73 7.32 4.88 -12.87
N GLN B 74 8.51 4.32 -13.09
CA GLN B 74 9.65 5.13 -13.49
C GLN B 74 9.45 5.78 -14.86
N GLN B 75 8.88 5.04 -15.80
CA GLN B 75 8.66 5.55 -17.15
C GLN B 75 7.35 6.30 -17.33
N LEU B 76 6.45 6.15 -16.38
CA LEU B 76 5.14 6.78 -16.47
C LEU B 76 5.17 8.27 -16.79
N GLU B 77 4.41 8.66 -17.82
CA GLU B 77 4.28 10.06 -18.20
C GLU B 77 2.78 10.30 -18.18
N PRO B 78 2.21 10.45 -16.98
CA PRO B 78 0.80 10.67 -16.66
C PRO B 78 0.09 11.74 -17.48
N VAL B 79 -1.05 11.36 -18.02
CA VAL B 79 -1.87 12.28 -18.80
C VAL B 79 -3.28 12.04 -18.28
N THR B 80 -3.91 13.11 -17.78
CA THR B 80 -5.24 13.01 -17.22
C THR B 80 -6.22 12.38 -18.22
N GLY B 81 -7.03 11.46 -17.74
CA GLY B 81 -8.02 10.83 -18.60
C GLY B 81 -7.58 9.65 -19.45
N GLN B 82 -6.28 9.38 -19.55
CA GLN B 82 -5.86 8.24 -20.36
C GLN B 82 -5.04 7.18 -19.64
N VAL B 83 -5.22 5.95 -20.08
CA VAL B 83 -4.53 4.80 -19.53
C VAL B 83 -3.27 4.57 -20.35
N SER B 84 -2.11 4.51 -19.70
CA SER B 84 -0.87 4.30 -20.41
C SER B 84 -0.18 2.99 -20.03
N VAL B 85 -0.74 2.31 -19.03
CA VAL B 85 -0.18 1.04 -18.57
C VAL B 85 -1.28 0.00 -18.42
N LEU B 86 -1.10 -1.15 -19.07
CA LEU B 86 -2.06 -2.25 -18.99
C LEU B 86 -1.35 -3.52 -18.52
N VAL B 87 -1.84 -4.08 -17.42
CA VAL B 87 -1.29 -5.30 -16.84
C VAL B 87 -2.42 -6.32 -16.72
N MET B 88 -2.17 -7.53 -17.19
CA MET B 88 -3.20 -8.56 -17.09
C MET B 88 -2.56 -9.83 -16.56
N CYS B 89 -3.33 -10.58 -15.76
CA CYS B 89 -2.81 -11.82 -15.22
C CYS B 89 -3.92 -12.86 -15.14
N HIS B 90 -3.57 -14.03 -14.61
CA HIS B 90 -4.49 -15.15 -14.52
C HIS B 90 -5.34 -15.21 -13.25
N THR B 91 -4.69 -15.29 -12.09
CA THR B 91 -5.39 -15.36 -10.81
C THR B 91 -5.88 -14.02 -10.26
N ARG B 92 -7.10 -14.02 -9.73
CA ARG B 92 -7.71 -12.82 -9.16
C ARG B 92 -6.92 -12.21 -8.01
N GLU B 93 -6.37 -13.07 -7.15
CA GLU B 93 -5.61 -12.62 -5.99
C GLU B 93 -4.35 -11.86 -6.40
N LEU B 94 -3.66 -12.36 -7.43
CA LEU B 94 -2.44 -11.71 -7.88
C LEU B 94 -2.77 -10.32 -8.41
N ALA B 95 -3.90 -10.21 -9.10
CA ALA B 95 -4.31 -8.93 -9.66
C ALA B 95 -4.40 -7.88 -8.55
N PHE B 96 -4.99 -8.26 -7.42
CA PHE B 96 -5.11 -7.32 -6.30
C PHE B 96 -3.81 -7.03 -5.58
N GLN B 97 -2.89 -7.98 -5.56
CA GLN B 97 -1.61 -7.73 -4.92
C GLN B 97 -0.74 -6.82 -5.80
N ILE B 98 -0.91 -6.92 -7.10
CA ILE B 98 -0.15 -6.07 -8.03
C ILE B 98 -0.61 -4.65 -7.76
N SER B 99 -1.91 -4.49 -7.51
CA SER B 99 -2.44 -3.18 -7.23
C SER B 99 -1.81 -2.60 -5.97
N LYS B 100 -1.63 -3.44 -4.95
CA LYS B 100 -1.04 -3.02 -3.69
C LYS B 100 0.40 -2.56 -3.92
N GLU B 101 1.12 -3.29 -4.77
CA GLU B 101 2.49 -2.96 -5.10
C GLU B 101 2.54 -1.57 -5.72
N TYR B 102 1.67 -1.33 -6.69
CA TYR B 102 1.64 -0.02 -7.34
C TYR B 102 1.37 1.08 -6.32
N GLU B 103 0.33 0.89 -5.51
CA GLU B 103 -0.03 1.88 -4.50
C GLU B 103 1.16 2.17 -3.58
N ARG B 104 1.80 1.10 -3.13
CA ARG B 104 2.93 1.16 -2.24
C ARG B 104 4.08 2.02 -2.77
N PHE B 105 4.51 1.74 -4.00
CA PHE B 105 5.62 2.46 -4.58
C PHE B 105 5.28 3.80 -5.24
N SER B 106 4.00 4.14 -5.32
CA SER B 106 3.59 5.41 -5.90
C SER B 106 3.22 6.34 -4.74
N LYS B 107 3.64 5.92 -3.55
CA LYS B 107 3.42 6.64 -2.29
C LYS B 107 3.64 8.14 -2.38
N TYR B 108 4.70 8.53 -3.10
CA TYR B 108 5.05 9.93 -3.24
C TYR B 108 4.71 10.47 -4.64
N MET B 109 3.76 9.82 -5.29
CA MET B 109 3.28 10.22 -6.62
C MET B 109 1.76 10.22 -6.49
N PRO B 110 1.22 11.11 -5.66
CA PRO B 110 -0.21 11.27 -5.39
C PRO B 110 -1.17 11.28 -6.57
N ASN B 111 -0.73 11.80 -7.72
CA ASN B 111 -1.61 11.87 -8.89
C ASN B 111 -1.81 10.58 -9.67
N VAL B 112 -0.93 9.61 -9.46
CA VAL B 112 -1.01 8.34 -10.18
C VAL B 112 -2.13 7.46 -9.64
N LYS B 113 -3.01 7.02 -10.55
CA LYS B 113 -4.13 6.16 -10.17
C LYS B 113 -4.13 4.79 -10.84
N VAL B 114 -4.51 3.77 -10.08
CA VAL B 114 -4.57 2.40 -10.58
C VAL B 114 -5.95 1.79 -10.32
N ALA B 115 -6.42 0.96 -11.24
CA ALA B 115 -7.72 0.30 -11.08
C ALA B 115 -7.64 -1.18 -11.42
N VAL B 116 -8.47 -1.98 -10.76
CA VAL B 116 -8.49 -3.43 -11.01
C VAL B 116 -9.83 -3.85 -11.59
N PHE B 117 -9.80 -4.56 -12.71
CA PHE B 117 -11.01 -5.04 -13.38
C PHE B 117 -10.88 -6.53 -13.65
N PHE B 118 -11.21 -7.36 -12.66
CA PHE B 118 -11.10 -8.80 -12.82
C PHE B 118 -12.44 -9.52 -13.02
N GLY B 119 -13.47 -8.76 -13.39
CA GLY B 119 -14.77 -9.35 -13.62
C GLY B 119 -15.51 -9.74 -12.36
N GLY B 120 -16.57 -10.52 -12.51
CA GLY B 120 -17.35 -10.97 -11.37
C GLY B 120 -18.59 -10.12 -11.15
N LEU B 121 -18.48 -8.83 -11.45
CA LEU B 121 -19.61 -7.92 -11.28
C LEU B 121 -20.03 -7.26 -12.59
N SER B 122 -21.12 -6.52 -12.52
CA SER B 122 -21.64 -5.81 -13.69
C SER B 122 -20.55 -4.94 -14.29
N ILE B 123 -20.37 -5.08 -15.60
CA ILE B 123 -19.37 -4.32 -16.32
C ILE B 123 -19.68 -2.83 -16.25
N LYS B 124 -20.94 -2.50 -16.03
CA LYS B 124 -21.36 -1.10 -15.94
C LYS B 124 -20.58 -0.39 -14.86
N LYS B 125 -20.31 -1.11 -13.77
CA LYS B 125 -19.56 -0.54 -12.65
C LYS B 125 -18.14 -0.21 -13.07
N ASP B 126 -17.53 -1.07 -13.88
CA ASP B 126 -16.19 -0.81 -14.36
C ASP B 126 -16.24 0.38 -15.30
N GLU B 127 -17.33 0.48 -16.06
CA GLU B 127 -17.51 1.59 -16.99
C GLU B 127 -17.62 2.89 -16.20
N GLU B 128 -18.26 2.81 -15.04
CA GLU B 128 -18.43 3.98 -14.20
C GLU B 128 -17.10 4.59 -13.80
N VAL B 129 -16.13 3.72 -13.51
CA VAL B 129 -14.79 4.16 -13.12
C VAL B 129 -14.10 4.92 -14.24
N LEU B 130 -14.06 4.31 -15.42
CA LEU B 130 -13.43 4.90 -16.58
C LEU B 130 -14.07 6.20 -17.05
N LYS B 131 -15.34 6.39 -16.72
CA LYS B 131 -16.05 7.60 -17.14
C LYS B 131 -15.95 8.74 -16.13
N LYS B 132 -15.41 8.46 -14.94
CA LYS B 132 -15.28 9.49 -13.91
C LYS B 132 -13.90 9.60 -13.30
N ASN B 133 -13.25 8.47 -13.07
CA ASN B 133 -11.92 8.46 -12.47
C ASN B 133 -10.96 7.60 -13.27
N CYS B 134 -10.81 7.93 -14.55
CA CYS B 134 -9.93 7.18 -15.44
C CYS B 134 -8.53 7.03 -14.85
N PRO B 135 -8.11 5.78 -14.59
CA PRO B 135 -6.80 5.49 -14.01
C PRO B 135 -5.68 5.58 -15.06
N HIS B 136 -4.45 5.70 -14.58
CA HIS B 136 -3.30 5.77 -15.47
C HIS B 136 -2.83 4.33 -15.68
N ILE B 137 -3.15 3.48 -14.71
CA ILE B 137 -2.75 2.09 -14.73
C ILE B 137 -3.95 1.15 -14.53
N VAL B 138 -4.13 0.20 -15.44
CA VAL B 138 -5.23 -0.76 -15.32
C VAL B 138 -4.71 -2.20 -15.16
N VAL B 139 -5.30 -2.93 -14.23
CA VAL B 139 -4.93 -4.33 -13.98
C VAL B 139 -6.19 -5.19 -14.07
N GLY B 140 -6.16 -6.27 -14.84
CA GLY B 140 -7.35 -7.11 -14.95
C GLY B 140 -7.23 -8.40 -15.76
N THR B 141 -8.37 -9.06 -15.99
CA THR B 141 -8.40 -10.31 -16.75
C THR B 141 -8.72 -9.99 -18.22
N PRO B 142 -8.18 -10.78 -19.17
CA PRO B 142 -8.43 -10.55 -20.59
C PRO B 142 -9.91 -10.37 -20.96
N GLY B 143 -10.73 -11.32 -20.52
CA GLY B 143 -12.16 -11.26 -20.82
C GLY B 143 -12.81 -9.93 -20.51
N ARG B 144 -12.64 -9.44 -19.28
CA ARG B 144 -13.25 -8.17 -18.87
C ARG B 144 -12.60 -6.97 -19.55
N ILE B 145 -11.27 -6.98 -19.68
CA ILE B 145 -10.59 -5.86 -20.33
C ILE B 145 -11.07 -5.74 -21.78
N LEU B 146 -11.14 -6.86 -22.47
CA LEU B 146 -11.59 -6.88 -23.87
C LEU B 146 -13.03 -6.39 -24.00
N ALA B 147 -13.88 -6.80 -23.06
CA ALA B 147 -15.27 -6.39 -23.09
C ALA B 147 -15.37 -4.87 -22.93
N LEU B 148 -14.65 -4.32 -21.95
CA LEU B 148 -14.65 -2.88 -21.70
C LEU B 148 -14.06 -2.13 -22.88
N ALA B 149 -13.10 -2.77 -23.55
CA ALA B 149 -12.45 -2.17 -24.71
C ALA B 149 -13.41 -2.20 -25.91
N ARG B 150 -14.08 -3.33 -26.11
CA ARG B 150 -15.01 -3.48 -27.21
C ARG B 150 -16.19 -2.49 -27.14
N ASN B 151 -16.70 -2.23 -25.95
CA ASN B 151 -17.83 -1.30 -25.84
C ASN B 151 -17.35 0.14 -25.80
N LYS B 152 -16.04 0.34 -26.00
CA LYS B 152 -15.43 1.66 -26.03
C LYS B 152 -15.17 2.34 -24.68
N SER B 153 -15.63 1.73 -23.59
CA SER B 153 -15.40 2.32 -22.27
C SER B 153 -13.91 2.53 -22.07
N LEU B 154 -13.14 1.51 -22.42
CA LEU B 154 -11.69 1.54 -22.26
C LEU B 154 -10.94 1.87 -23.54
N ASN B 155 -10.35 3.05 -23.59
CA ASN B 155 -9.58 3.49 -24.75
C ASN B 155 -8.14 3.01 -24.58
N LEU B 156 -7.72 2.10 -25.47
CA LEU B 156 -6.37 1.52 -25.40
C LEU B 156 -5.37 2.11 -26.38
N LYS B 157 -5.73 3.21 -27.03
CA LYS B 157 -4.86 3.84 -28.01
C LYS B 157 -3.74 4.66 -27.40
N HIS B 158 -3.56 4.55 -26.09
CA HIS B 158 -2.51 5.31 -25.40
C HIS B 158 -1.61 4.42 -24.55
N ILE B 159 -1.78 3.10 -24.67
CA ILE B 159 -0.97 2.16 -23.90
C ILE B 159 0.50 2.18 -24.32
N LYS B 160 1.38 2.39 -23.36
CA LYS B 160 2.83 2.45 -23.60
C LYS B 160 3.56 1.28 -22.94
N HIS B 161 2.81 0.51 -22.17
CA HIS B 161 3.34 -0.64 -21.45
C HIS B 161 2.26 -1.71 -21.41
N PHE B 162 2.55 -2.85 -22.03
CA PHE B 162 1.64 -3.99 -22.10
C PHE B 162 2.31 -5.06 -21.26
N ILE B 163 1.70 -5.42 -20.13
CA ILE B 163 2.30 -6.40 -19.25
C ILE B 163 1.39 -7.58 -18.90
N LEU B 164 1.96 -8.79 -18.91
CA LEU B 164 1.23 -10.01 -18.58
C LEU B 164 1.99 -10.72 -17.46
N ASP B 165 1.30 -11.09 -16.38
CA ASP B 165 1.95 -11.83 -15.29
C ASP B 165 1.22 -13.17 -15.32
N GLU B 166 1.93 -14.27 -15.00
CA GLU B 166 1.35 -15.60 -15.09
C GLU B 166 0.99 -15.74 -16.57
N CYS B 167 1.84 -15.19 -17.43
CA CYS B 167 1.61 -15.20 -18.87
C CYS B 167 1.40 -16.57 -19.49
N ASP B 168 2.08 -17.58 -18.97
CA ASP B 168 1.94 -18.92 -19.53
C ASP B 168 0.57 -19.52 -19.31
N LYS B 169 -0.03 -19.27 -18.16
CA LYS B 169 -1.35 -19.81 -17.86
C LYS B 169 -2.36 -19.12 -18.78
N MET B 170 -2.08 -17.87 -19.13
CA MET B 170 -2.95 -17.09 -19.99
C MET B 170 -2.87 -17.49 -21.47
N LEU B 171 -1.67 -17.51 -22.02
CA LEU B 171 -1.46 -17.83 -23.43
C LEU B 171 -1.67 -19.30 -23.75
N GLU B 172 -1.64 -20.11 -22.70
CA GLU B 172 -1.79 -21.56 -22.80
C GLU B 172 -3.18 -21.93 -23.29
N GLN B 173 -4.18 -21.20 -22.83
CA GLN B 173 -5.58 -21.43 -23.20
C GLN B 173 -5.87 -20.70 -24.51
N LEU B 174 -6.24 -21.45 -25.54
CA LEU B 174 -6.53 -20.89 -26.86
C LEU B 174 -7.49 -19.71 -26.80
N ASP B 175 -8.58 -19.85 -26.05
CA ASP B 175 -9.55 -18.76 -25.97
C ASP B 175 -8.98 -17.53 -25.26
N MET B 176 -8.22 -17.73 -24.19
CA MET B 176 -7.64 -16.61 -23.46
C MET B 176 -6.57 -15.96 -24.35
N ARG B 177 -5.85 -16.78 -25.10
CA ARG B 177 -4.81 -16.25 -25.99
C ARG B 177 -5.44 -15.32 -27.02
N ARG B 178 -6.52 -15.78 -27.64
CA ARG B 178 -7.20 -14.97 -28.65
C ARG B 178 -7.65 -13.62 -28.09
N ASP B 179 -8.14 -13.62 -26.85
CA ASP B 179 -8.56 -12.37 -26.22
C ASP B 179 -7.37 -11.45 -26.05
N VAL B 180 -6.26 -11.99 -25.58
CA VAL B 180 -5.06 -11.18 -25.41
C VAL B 180 -4.59 -10.62 -26.76
N GLN B 181 -4.65 -11.43 -27.81
CA GLN B 181 -4.24 -10.98 -29.13
C GLN B 181 -5.15 -9.86 -29.63
N GLU B 182 -6.44 -9.95 -29.35
CA GLU B 182 -7.38 -8.92 -29.80
C GLU B 182 -7.15 -7.60 -29.06
N ILE B 183 -6.88 -7.69 -27.76
CA ILE B 183 -6.61 -6.51 -26.96
C ILE B 183 -5.32 -5.85 -27.46
N PHE B 184 -4.28 -6.66 -27.62
CA PHE B 184 -2.97 -6.22 -28.09
C PHE B 184 -3.10 -5.41 -29.39
N ARG B 185 -3.89 -5.95 -30.32
CA ARG B 185 -4.10 -5.33 -31.61
C ARG B 185 -4.66 -3.90 -31.51
N MET B 186 -5.28 -3.59 -30.39
CA MET B 186 -5.87 -2.26 -30.17
C MET B 186 -4.89 -1.23 -29.61
N THR B 187 -3.72 -1.68 -29.21
CA THR B 187 -2.73 -0.77 -28.63
C THR B 187 -1.73 -0.27 -29.66
N PRO B 188 -1.02 0.82 -29.33
CA PRO B 188 -0.02 1.42 -30.22
C PRO B 188 1.16 0.48 -30.46
N HIS B 189 1.76 0.59 -31.65
CA HIS B 189 2.92 -0.24 -31.96
C HIS B 189 4.09 0.14 -31.07
N GLU B 190 4.29 1.44 -30.88
CA GLU B 190 5.39 1.91 -30.04
C GLU B 190 5.04 1.79 -28.56
N LYS B 191 5.40 0.65 -27.98
CA LYS B 191 5.13 0.40 -26.58
C LYS B 191 6.09 -0.68 -26.08
N GLN B 192 6.16 -0.79 -24.77
CA GLN B 192 7.01 -1.77 -24.11
C GLN B 192 6.13 -2.96 -23.74
N VAL B 193 6.62 -4.17 -24.01
CA VAL B 193 5.87 -5.37 -23.69
C VAL B 193 6.75 -6.21 -22.78
N MET B 194 6.18 -6.65 -21.67
CA MET B 194 6.91 -7.47 -20.71
C MET B 194 6.00 -8.57 -20.19
N MET B 195 6.54 -9.78 -20.10
CA MET B 195 5.77 -10.91 -19.60
C MET B 195 6.53 -11.65 -18.52
N PHE B 196 5.81 -12.03 -17.48
CA PHE B 196 6.41 -12.73 -16.36
C PHE B 196 5.64 -13.97 -15.97
N SER B 197 6.36 -14.93 -15.40
CA SER B 197 5.77 -16.16 -14.91
C SER B 197 6.77 -16.99 -14.13
N ALA B 198 6.26 -17.83 -13.25
CA ALA B 198 7.11 -18.70 -12.46
C ALA B 198 7.55 -19.86 -13.35
N THR B 199 6.80 -20.10 -14.43
CA THR B 199 7.10 -21.20 -15.33
C THR B 199 6.81 -20.94 -16.81
N LEU B 200 7.85 -21.01 -17.64
CA LEU B 200 7.69 -20.81 -19.07
C LEU B 200 8.21 -22.05 -19.77
N SER B 201 7.30 -22.89 -20.25
CA SER B 201 7.69 -24.11 -20.95
C SER B 201 8.37 -23.68 -22.25
N LYS B 202 9.07 -24.61 -22.88
CA LYS B 202 9.76 -24.32 -24.13
C LYS B 202 8.77 -24.08 -25.26
N GLU B 203 7.60 -24.70 -25.15
CA GLU B 203 6.58 -24.58 -26.18
C GLU B 203 5.85 -23.24 -26.16
N ILE B 204 5.74 -22.63 -24.98
CA ILE B 204 5.04 -21.35 -24.90
C ILE B 204 5.94 -20.12 -25.02
N ARG B 205 7.26 -20.31 -24.88
CA ARG B 205 8.18 -19.19 -24.98
C ARG B 205 8.06 -18.50 -26.35
N PRO B 206 8.05 -19.27 -27.45
CA PRO B 206 7.93 -18.63 -28.76
C PRO B 206 6.62 -17.86 -28.91
N VAL B 207 5.57 -18.35 -28.26
CA VAL B 207 4.27 -17.68 -28.34
C VAL B 207 4.34 -16.33 -27.63
N CYS B 208 5.13 -16.25 -26.56
CA CYS B 208 5.27 -15.00 -25.81
C CYS B 208 6.06 -13.98 -26.63
N ARG B 209 7.11 -14.44 -27.29
CA ARG B 209 7.95 -13.57 -28.08
C ARG B 209 7.28 -12.96 -29.32
N LYS B 210 6.17 -13.54 -29.77
CA LYS B 210 5.51 -12.98 -30.96
C LYS B 210 4.93 -11.60 -30.70
N PHE B 211 4.75 -11.24 -29.43
CA PHE B 211 4.22 -9.94 -29.04
C PHE B 211 5.34 -8.96 -28.73
N MET B 212 6.59 -9.41 -28.83
CA MET B 212 7.74 -8.58 -28.49
C MET B 212 8.69 -8.24 -29.62
N GLN B 213 9.60 -7.31 -29.33
CA GLN B 213 10.62 -6.86 -30.26
C GLN B 213 11.99 -7.06 -29.60
N ASP B 214 12.76 -8.00 -30.13
CA ASP B 214 14.11 -8.29 -29.61
C ASP B 214 14.17 -8.04 -28.10
N PRO B 215 13.39 -8.79 -27.31
CA PRO B 215 13.36 -8.63 -25.86
C PRO B 215 14.52 -9.23 -25.09
N MET B 216 14.72 -8.74 -23.89
CA MET B 216 15.74 -9.30 -23.01
C MET B 216 15.03 -10.50 -22.43
N GLU B 217 15.72 -11.64 -22.35
CA GLU B 217 15.09 -12.83 -21.82
C GLU B 217 15.87 -13.36 -20.63
N ILE B 218 15.16 -13.79 -19.61
CA ILE B 218 15.80 -14.33 -18.43
C ILE B 218 14.95 -15.49 -17.93
N PHE B 219 15.56 -16.66 -17.79
CA PHE B 219 14.87 -17.86 -17.35
C PHE B 219 15.59 -18.50 -16.17
N VAL B 220 15.08 -18.27 -14.97
CA VAL B 220 15.67 -18.82 -13.76
C VAL B 220 14.59 -19.37 -12.83
#